data_6EW6
#
_entry.id   6EW6
#
_cell.length_a   30.540
_cell.length_b   73.010
_cell.length_c   53.540
_cell.angle_alpha   90.00
_cell.angle_beta   104.23
_cell.angle_gamma   90.00
#
_symmetry.space_group_name_H-M   'C 1 2 1'
#
loop_
_entity.id
_entity.type
_entity.pdbx_description
1 polymer 'B-cell lymphoma 6 protein'
2 non-polymer ~{N}2-(2-chlorophenyl)-1,3,5-triazine-2,4-diamine
3 water water
#
_entity_poly.entity_id   1
_entity_poly.type   'polypeptide(L)'
_entity_poly.pdbx_seq_one_letter_code
;DSQIQFTRHASDVLLNLNRLRSRDILTDVVIVVSREQFRAHKTVLMACSGLFYSIFTDQLKRNLSVINLDPEINPEGFNI
LLDFMYTSRLNLREGNIMAVMATAMYLQMEHVVDTARKFIKAS
;
_entity_poly.pdbx_strand_id   A
#
loop_
_chem_comp.id
_chem_comp.type
_chem_comp.name
_chem_comp.formula
C0H non-polymer ~{N}2-(2-chlorophenyl)-1,3,5-triazine-2,4-diamine 'C9 H8 Cl N5'
#
# COMPACT_ATOMS: atom_id res chain seq x y z
N ASP A 1 -28.07 6.60 -3.67
CA ASP A 1 -29.30 5.80 -3.54
C ASP A 1 -30.06 6.16 -2.24
N SER A 2 -31.19 5.48 -1.97
CA SER A 2 -32.02 5.72 -0.78
C SER A 2 -31.44 5.23 0.56
N GLN A 3 -30.29 4.56 0.57
CA GLN A 3 -29.73 3.99 1.80
C GLN A 3 -29.09 5.05 2.69
N ILE A 4 -28.94 4.73 3.98
CA ILE A 4 -28.29 5.62 4.93
C ILE A 4 -26.77 5.48 4.72
N GLN A 5 -26.07 6.59 4.62
CA GLN A 5 -24.61 6.61 4.43
C GLN A 5 -23.92 6.82 5.78
N PHE A 6 -22.98 5.92 6.11
CA PHE A 6 -22.16 6.01 7.31
C PHE A 6 -20.86 6.55 6.83
N THR A 7 -20.64 7.82 7.07
CA THR A 7 -19.46 8.52 6.60
C THR A 7 -18.16 8.06 7.19
N ARG A 8 -18.19 7.48 8.40
CA ARG A 8 -16.97 7.04 9.10
C ARG A 8 -16.74 5.52 8.99
N HIS A 9 -17.69 4.75 8.41
CA HIS A 9 -17.55 3.29 8.39
C HIS A 9 -16.31 2.81 7.65
N ALA A 10 -16.01 3.34 6.47
CA ALA A 10 -14.83 2.82 5.76
C ALA A 10 -13.57 3.08 6.52
N SER A 11 -13.45 4.28 7.15
CA SER A 11 -12.25 4.59 7.94
CA SER A 11 -12.27 4.60 7.95
C SER A 11 -12.17 3.68 9.16
N ASP A 12 -13.31 3.36 9.76
CA ASP A 12 -13.32 2.43 10.90
C ASP A 12 -12.87 1.03 10.47
N VAL A 13 -13.35 0.55 9.31
CA VAL A 13 -12.92 -0.75 8.81
C VAL A 13 -11.39 -0.76 8.61
N LEU A 14 -10.88 0.30 7.94
CA LEU A 14 -9.44 0.33 7.65
C LEU A 14 -8.61 0.36 8.91
N LEU A 15 -9.06 1.12 9.93
CA LEU A 15 -8.36 1.16 11.21
C LEU A 15 -8.33 -0.24 11.81
N ASN A 16 -9.46 -0.98 11.72
CA ASN A 16 -9.45 -2.33 12.27
C ASN A 16 -8.60 -3.30 11.44
N LEU A 17 -8.53 -3.11 10.13
CA LEU A 17 -7.63 -3.93 9.34
C LEU A 17 -6.18 -3.67 9.73
N ASN A 18 -5.83 -2.40 10.01
CA ASN A 18 -4.48 -2.07 10.45
C ASN A 18 -4.20 -2.68 11.81
N ARG A 19 -5.19 -2.72 12.70
CA ARG A 19 -5.02 -3.38 13.99
C ARG A 19 -4.77 -4.87 13.79
N LEU A 20 -5.47 -5.52 12.83
CA LEU A 20 -5.22 -6.93 12.57
C LEU A 20 -3.79 -7.13 12.03
N ARG A 21 -3.33 -6.25 11.13
CA ARG A 21 -1.96 -6.36 10.62
C ARG A 21 -0.94 -6.21 11.77
N SER A 22 -1.20 -5.27 12.72
CA SER A 22 -0.29 -5.05 13.85
CA SER A 22 -0.28 -5.04 13.83
C SER A 22 -0.17 -6.27 14.73
N ARG A 23 -1.17 -7.15 14.73
CA ARG A 23 -1.21 -8.38 15.54
C ARG A 23 -0.96 -9.62 14.69
N ASP A 24 -0.61 -9.44 13.42
CA ASP A 24 -0.38 -10.52 12.45
C ASP A 24 -1.58 -11.46 12.33
N ILE A 25 -2.80 -10.91 12.45
CA ILE A 25 -4.01 -11.71 12.38
C ILE A 25 -4.47 -11.81 10.93
N LEU A 26 -4.48 -13.04 10.38
CA LEU A 26 -4.90 -13.36 9.04
C LEU A 26 -4.06 -12.73 7.92
N THR A 27 -2.83 -12.26 8.21
CA THR A 27 -1.94 -11.83 7.16
C THR A 27 -1.56 -13.10 6.36
N ASP A 28 -1.34 -12.94 5.07
CA ASP A 28 -1.09 -14.08 4.19
C ASP A 28 -0.01 -13.88 3.16
N VAL A 29 0.82 -12.82 3.27
CA VAL A 29 1.88 -12.62 2.35
C VAL A 29 3.00 -11.82 3.03
N VAL A 30 4.25 -12.04 2.60
CA VAL A 30 5.40 -11.25 3.00
C VAL A 30 5.99 -10.58 1.76
N ILE A 31 6.24 -9.23 1.79
CA ILE A 31 6.83 -8.48 0.70
C ILE A 31 8.27 -8.26 1.13
N VAL A 32 9.19 -8.67 0.28
CA VAL A 32 10.63 -8.54 0.55
C VAL A 32 11.13 -7.40 -0.29
N VAL A 33 11.79 -6.43 0.37
CA VAL A 33 12.38 -5.25 -0.24
C VAL A 33 13.78 -5.22 0.30
N SER A 34 14.70 -5.82 -0.46
CA SER A 34 16.10 -5.98 -0.10
C SER A 34 16.21 -6.76 1.23
N ARG A 35 16.74 -6.17 2.32
CA ARG A 35 16.92 -6.91 3.56
C ARG A 35 15.72 -6.91 4.51
N GLU A 36 14.65 -6.18 4.15
CA GLU A 36 13.48 -6.04 4.99
C GLU A 36 12.30 -6.87 4.50
N GLN A 37 11.47 -7.31 5.46
CA GLN A 37 10.28 -8.09 5.17
C GLN A 37 9.10 -7.38 5.78
N PHE A 38 7.95 -7.34 5.10
CA PHE A 38 6.74 -6.71 5.61
C PHE A 38 5.58 -7.64 5.36
N ARG A 39 4.86 -8.01 6.42
CA ARG A 39 3.67 -8.87 6.32
C ARG A 39 2.42 -8.03 6.04
N ALA A 40 1.46 -8.59 5.32
CA ALA A 40 0.26 -7.84 4.98
C ALA A 40 -0.84 -8.78 4.57
N HIS A 41 -2.01 -8.19 4.31
CA HIS A 41 -3.19 -8.92 3.80
C HIS A 41 -3.22 -8.71 2.29
N LYS A 42 -3.19 -9.79 1.50
CA LYS A 42 -3.27 -9.68 0.06
C LYS A 42 -4.50 -8.90 -0.39
N THR A 43 -5.64 -9.06 0.27
CA THR A 43 -6.82 -8.29 -0.14
C THR A 43 -6.55 -6.78 -0.06
N VAL A 44 -5.91 -6.30 1.03
CA VAL A 44 -5.63 -4.88 1.15
C VAL A 44 -4.64 -4.43 0.09
N LEU A 45 -3.63 -5.27 -0.16
CA LEU A 45 -2.66 -4.93 -1.17
C LEU A 45 -3.29 -4.80 -2.56
N MET A 46 -4.16 -5.75 -2.90
CA MET A 46 -4.86 -5.71 -4.18
C MET A 46 -5.79 -4.48 -4.31
N ALA A 47 -6.43 -4.11 -3.20
CA ALA A 47 -7.37 -2.99 -3.17
C ALA A 47 -6.65 -1.63 -3.27
N CYS A 48 -5.34 -1.59 -3.07
CA CYS A 48 -4.56 -0.34 -3.08
C CYS A 48 -3.58 -0.18 -4.23
N SER A 49 -3.10 -1.28 -4.80
CA SER A 49 -1.99 -1.25 -5.75
C SER A 49 -2.26 -2.00 -7.03
N GLY A 50 -2.04 -1.36 -8.16
CA GLY A 50 -2.26 -2.02 -9.45
C GLY A 50 -1.27 -3.14 -9.66
N LEU A 51 -0.06 -3.04 -9.10
CA LEU A 51 0.94 -4.09 -9.24
C LEU A 51 0.49 -5.28 -8.49
N PHE A 52 0.10 -5.12 -7.21
CA PHE A 52 -0.34 -6.25 -6.45
C PHE A 52 -1.64 -6.82 -6.96
N TYR A 53 -2.54 -5.96 -7.44
CA TYR A 53 -3.78 -6.47 -8.01
C TYR A 53 -3.48 -7.39 -9.18
N SER A 54 -2.63 -6.93 -10.10
CA SER A 54 -2.28 -7.73 -11.30
CA SER A 54 -2.28 -7.73 -11.30
C SER A 54 -1.59 -9.05 -10.95
N ILE A 55 -0.86 -9.13 -9.83
CA ILE A 55 -0.23 -10.37 -9.40
C ILE A 55 -1.30 -11.33 -8.91
N PHE A 56 -1.97 -11.00 -7.81
CA PHE A 56 -2.86 -11.88 -7.10
C PHE A 56 -4.18 -12.18 -7.80
N THR A 57 -4.60 -11.34 -8.76
CA THR A 57 -5.83 -11.66 -9.50
C THR A 57 -5.60 -12.87 -10.39
N ASP A 58 -4.36 -13.11 -10.80
CA ASP A 58 -4.04 -14.28 -11.65
C ASP A 58 -4.11 -15.53 -10.74
N GLN A 59 -4.96 -16.53 -11.09
CA GLN A 59 -5.07 -17.76 -10.29
C GLN A 59 -3.73 -18.52 -10.20
N LEU A 60 -2.81 -18.29 -11.13
CA LEU A 60 -1.47 -18.89 -11.06
C LEU A 60 -0.68 -18.40 -9.85
N LYS A 61 -0.88 -17.12 -9.47
CA LYS A 61 -0.09 -16.47 -8.43
C LYS A 61 -0.90 -16.15 -7.20
N ARG A 62 -2.19 -16.42 -7.20
CA ARG A 62 -3.01 -16.01 -6.07
C ARG A 62 -2.58 -16.57 -4.73
N ASN A 63 -2.05 -17.78 -4.69
CA ASN A 63 -1.66 -18.42 -3.44
C ASN A 63 -0.18 -18.14 -3.08
N LEU A 64 0.52 -17.21 -3.77
CA LEU A 64 1.92 -16.87 -3.45
C LEU A 64 1.97 -16.28 -2.04
N SER A 65 2.94 -16.71 -1.23
CA SER A 65 3.08 -16.25 0.15
C SER A 65 4.26 -15.28 0.26
N VAL A 66 5.06 -15.07 -0.83
CA VAL A 66 6.21 -14.16 -0.87
C VAL A 66 6.31 -13.44 -2.19
N ILE A 67 6.56 -12.11 -2.20
CA ILE A 67 6.80 -11.31 -3.39
C ILE A 67 8.10 -10.55 -3.15
N ASN A 68 9.01 -10.60 -4.12
CA ASN A 68 10.28 -9.87 -4.07
C ASN A 68 10.20 -8.66 -4.99
N LEU A 69 10.36 -7.45 -4.42
CA LEU A 69 10.36 -6.25 -5.24
C LEU A 69 11.73 -6.01 -5.87
N ASP A 70 11.75 -5.18 -6.90
CA ASP A 70 12.94 -4.73 -7.61
C ASP A 70 13.99 -4.23 -6.59
N PRO A 71 15.27 -4.63 -6.69
CA PRO A 71 16.28 -4.15 -5.71
C PRO A 71 16.50 -2.65 -5.65
N GLU A 72 16.10 -1.89 -6.70
CA GLU A 72 16.23 -0.43 -6.70
C GLU A 72 15.10 0.23 -5.88
N ILE A 73 14.09 -0.54 -5.42
CA ILE A 73 13.03 0.00 -4.56
C ILE A 73 13.56 0.20 -3.14
N ASN A 74 13.29 1.39 -2.62
CA ASN A 74 13.71 1.88 -1.32
C ASN A 74 12.83 1.24 -0.20
N PRO A 75 13.39 0.48 0.78
CA PRO A 75 12.56 -0.09 1.86
C PRO A 75 11.77 0.97 2.64
N GLU A 76 12.35 2.14 2.90
CA GLU A 76 11.61 3.22 3.59
C GLU A 76 10.42 3.68 2.74
N GLY A 77 10.59 3.85 1.44
CA GLY A 77 9.52 4.28 0.58
C GLY A 77 8.42 3.24 0.52
N PHE A 78 8.79 1.95 0.52
CA PHE A 78 7.76 0.92 0.56
C PHE A 78 6.98 0.96 1.88
N ASN A 79 7.69 1.09 3.01
CA ASN A 79 7.01 1.13 4.31
C ASN A 79 6.04 2.33 4.42
N ILE A 80 6.43 3.48 3.91
CA ILE A 80 5.55 4.65 3.91
C ILE A 80 4.27 4.35 3.14
N LEU A 81 4.41 3.67 2.01
CA LEU A 81 3.24 3.38 1.20
C LEU A 81 2.41 2.27 1.78
N LEU A 82 3.02 1.26 2.43
CA LEU A 82 2.23 0.21 3.09
C LEU A 82 1.43 0.84 4.23
N ASP A 83 2.06 1.73 4.98
CA ASP A 83 1.32 2.44 6.04
C ASP A 83 0.19 3.24 5.45
N PHE A 84 0.42 3.95 4.36
CA PHE A 84 -0.63 4.69 3.71
C PHE A 84 -1.82 3.80 3.35
N MET A 85 -1.50 2.65 2.76
CA MET A 85 -2.57 1.74 2.36
C MET A 85 -3.53 1.46 3.52
N TYR A 86 -2.98 1.28 4.73
CA TYR A 86 -3.73 0.89 5.91
C TYR A 86 -4.17 2.08 6.78
N THR A 87 -3.84 3.34 6.44
CA THR A 87 -4.26 4.51 7.24
C THR A 87 -4.86 5.66 6.49
N SER A 88 -4.68 5.80 5.19
CA SER A 88 -5.10 6.97 4.43
C SER A 88 -4.22 8.15 4.71
N ARG A 89 -3.10 7.99 5.39
CA ARG A 89 -2.19 9.11 5.72
C ARG A 89 -0.87 8.85 5.07
N LEU A 90 -0.38 9.85 4.31
CA LEU A 90 0.85 9.73 3.53
C LEU A 90 1.93 10.65 4.07
N ASN A 91 3.04 10.08 4.48
CA ASN A 91 4.18 10.86 4.97
C ASN A 91 5.04 11.32 3.77
N LEU A 92 4.64 12.45 3.15
CA LEU A 92 5.38 13.08 2.04
C LEU A 92 6.17 14.25 2.60
N ARG A 93 7.45 14.32 2.28
CA ARG A 93 8.36 15.40 2.70
C ARG A 93 9.36 15.68 1.57
N GLU A 94 10.08 16.82 1.61
CA GLU A 94 11.10 17.06 0.58
C GLU A 94 12.20 15.99 0.60
N GLY A 95 12.56 15.51 1.78
CA GLY A 95 13.59 14.48 1.95
C GLY A 95 13.21 13.11 1.41
N ASN A 96 11.91 12.82 1.19
CA ASN A 96 11.48 11.50 0.70
C ASN A 96 10.61 11.53 -0.56
N ILE A 97 10.21 12.69 -1.09
CA ILE A 97 9.28 12.78 -2.22
C ILE A 97 9.69 11.94 -3.43
N MET A 98 10.94 11.98 -3.82
CA MET A 98 11.34 11.24 -5.01
C MET A 98 11.35 9.73 -4.78
N ALA A 99 11.72 9.29 -3.59
CA ALA A 99 11.68 7.87 -3.26
C ALA A 99 10.24 7.38 -3.17
N VAL A 100 9.34 8.18 -2.57
CA VAL A 100 7.94 7.78 -2.45
C VAL A 100 7.28 7.78 -3.82
N MET A 101 7.53 8.80 -4.64
CA MET A 101 6.94 8.82 -5.97
CA MET A 101 6.99 8.87 -6.00
C MET A 101 7.43 7.62 -6.80
N ALA A 102 8.73 7.31 -6.73
CA ALA A 102 9.27 6.17 -7.47
C ALA A 102 8.57 4.88 -7.05
N THR A 103 8.39 4.68 -5.73
CA THR A 103 7.77 3.48 -5.23
C THR A 103 6.29 3.44 -5.57
N ALA A 104 5.60 4.59 -5.53
CA ALA A 104 4.20 4.63 -5.92
C ALA A 104 3.96 4.32 -7.38
N MET A 105 4.86 4.81 -8.24
CA MET A 105 4.75 4.48 -9.66
C MET A 105 4.98 3.00 -9.89
N TYR A 106 5.97 2.44 -9.24
CA TYR A 106 6.29 1.04 -9.35
C TYR A 106 5.11 0.17 -8.85
N LEU A 107 4.50 0.57 -7.72
CA LEU A 107 3.34 -0.16 -7.17
C LEU A 107 2.02 0.19 -7.88
N GLN A 108 2.00 1.14 -8.77
CA GLN A 108 0.79 1.54 -9.51
C GLN A 108 -0.31 2.02 -8.56
N MET A 109 0.03 3.03 -7.77
CA MET A 109 -0.89 3.67 -6.83
C MET A 109 -1.15 5.04 -7.42
N GLU A 110 -2.15 5.14 -8.32
CA GLU A 110 -2.39 6.34 -9.12
C GLU A 110 -2.71 7.59 -8.34
N HIS A 111 -3.48 7.48 -7.25
CA HIS A 111 -3.82 8.67 -6.45
C HIS A 111 -2.62 9.18 -5.68
N VAL A 112 -1.76 8.29 -5.17
CA VAL A 112 -0.54 8.73 -4.53
C VAL A 112 0.36 9.39 -5.58
N VAL A 113 0.47 8.82 -6.79
CA VAL A 113 1.29 9.42 -7.84
C VAL A 113 0.75 10.80 -8.19
N ASP A 114 -0.57 10.95 -8.33
CA ASP A 114 -1.14 12.28 -8.65
C ASP A 114 -0.89 13.27 -7.50
N THR A 115 -1.01 12.80 -6.25
CA THR A 115 -0.71 13.63 -5.10
C THR A 115 0.77 14.03 -5.04
N ALA A 116 1.68 13.11 -5.36
CA ALA A 116 3.10 13.46 -5.35
C ALA A 116 3.38 14.47 -6.47
N ARG A 117 2.67 14.39 -7.61
CA ARG A 117 2.86 15.39 -8.67
C ARG A 117 2.42 16.74 -8.17
N LYS A 118 1.25 16.80 -7.51
CA LYS A 118 0.74 18.06 -6.96
C LYS A 118 1.70 18.60 -5.90
N PHE A 119 2.34 17.74 -5.11
CA PHE A 119 3.34 18.14 -4.11
C PHE A 119 4.53 18.81 -4.78
N ILE A 120 5.06 18.19 -5.84
CA ILE A 120 6.20 18.74 -6.57
C ILE A 120 5.83 20.11 -7.12
N LYS A 121 4.59 20.25 -7.62
CA LYS A 121 4.08 21.49 -8.18
C LYS A 121 3.98 22.63 -7.14
N ALA A 122 3.58 22.30 -5.90
CA ALA A 122 3.43 23.28 -4.82
C ALA A 122 4.72 23.48 -3.98
N SER A 123 5.87 22.88 -4.39
CA SER A 123 7.15 22.97 -3.69
C SER A 123 7.93 24.20 -4.19
C1 C0H B . -5.27 -0.62 -10.30
C2 C0H B . -5.30 -0.24 -8.96
C3 C0H B . -6.00 -1.02 -8.07
C7 C0H B . -10.35 -4.79 -7.00
C8 C0H B . -10.54 -3.77 -8.98
CL C0H B . -6.17 -0.45 -6.44
C4 C0H B . -6.75 -2.12 -8.48
C5 C0H B . -6.62 -2.53 -9.80
C C0H B . -5.83 -1.81 -10.69
N C0H B . -7.50 -2.85 -7.53
C6 C0H B . -8.74 -3.40 -7.67
N3 C0H B . -9.39 -3.08 -8.80
N4 C0H B . -11.21 -3.53 -10.11
N2 C0H B . -11.10 -4.60 -8.08
N1 C0H B . -9.22 -4.15 -6.66
H1 C0H B . -4.97 0.11 -11.04
H2 C0H B . -4.67 0.55 -8.58
H5 C0H B . -10.81 -5.39 -6.21
H3 C0H B . -7.19 -3.39 -10.17
H C0H B . -5.96 -2.00 -11.76
H4 C0H B . -7.14 -2.82 -6.59
H7 C0H B . -12.12 -3.96 -10.29
H6 C0H B . -10.88 -2.86 -10.80
#